data_3FV4
#
_entry.id   3FV4
#
_cell.length_a   92.830
_cell.length_b   92.830
_cell.length_c   130.689
_cell.angle_alpha   90.00
_cell.angle_beta   90.00
_cell.angle_gamma   120.00
#
_symmetry.space_group_name_H-M   'P 61 2 2'
#
loop_
_entity.id
_entity.type
_entity.pdbx_description
1 polymer Thermolysin
2 non-polymer 'CALCIUM ION'
3 non-polymer 'ZINC ION'
4 non-polymer N-[(S)-({[(benzyloxy)carbonyl]amino}methyl)(hydroxy)phosphoryl]-L-phenylalanyl-L-leucine
5 non-polymer GLYCEROL
6 non-polymer 'DIMETHYL SULFOXIDE'
7 water water
#
_entity_poly.entity_id   1
_entity_poly.type   'polypeptide(L)'
_entity_poly.pdbx_seq_one_letter_code
;ITGTSTVGVGRGVLGDQKNINTTYSTYYYLQDNTRGNGIFTYDAKYRTTLPGSLWADADNQFFASYDAPAVDAHYYAGVT
YDYYKNVHNRLSYDGNNAAIRSSVHYSQGYNNAFWNGSQMVYGDGDGQTFIPLSGGIDVVAHELTHAVTDYTAGLIYQNE
SGAINEAISDIFGTLVEFYANKNPDWEIGEDVYTPGISGDSLRSMSDPAKYGDPDHYSKRYTGTQDNGGVHINSGIINKA
AYLISQGGTHYGVSVVGIGRDKLGKIFYRALTQYLTPTSNFSQLRAAAVQSATDLYGSTSQEVASVKQAFDAVGVK
;
_entity_poly.pdbx_strand_id   A
#
loop_
_chem_comp.id
_chem_comp.type
_chem_comp.name
_chem_comp.formula
1U4 non-polymer N-[(S)-({[(benzyloxy)carbonyl]amino}methyl)(hydroxy)phosphoryl]-L-phenylalanyl-L-leucine 'C24 H32 N3 O7 P'
CA non-polymer 'CALCIUM ION' 'Ca 2'
DMS non-polymer 'DIMETHYL SULFOXIDE' 'C2 H6 O S'
GOL non-polymer GLYCEROL 'C3 H8 O3'
ZN non-polymer 'ZINC ION' 'Zn 2'
#
# COMPACT_ATOMS: atom_id res chain seq x y z
N ILE A 1 -18.28 9.84 -15.43
CA ILE A 1 -19.54 10.36 -15.98
C ILE A 1 -19.74 11.83 -15.64
N THR A 2 -20.52 12.52 -16.46
CA THR A 2 -20.83 13.93 -16.23
CA THR A 2 -20.79 13.94 -16.19
C THR A 2 -21.93 14.08 -15.19
N GLY A 3 -21.77 14.90 -14.15
CA GLY A 3 -22.88 15.00 -13.19
C GLY A 3 -22.48 15.94 -12.08
N THR A 4 -23.21 15.91 -10.95
CA THR A 4 -22.90 16.89 -9.91
C THR A 4 -22.33 16.13 -8.72
N SER A 5 -21.37 16.77 -8.05
CA SER A 5 -20.75 16.08 -6.93
C SER A 5 -21.67 16.03 -5.74
N THR A 6 -21.72 14.85 -5.11
CA THR A 6 -22.57 14.61 -3.95
C THR A 6 -21.81 13.87 -2.86
N VAL A 7 -22.49 13.68 -1.74
CA VAL A 7 -21.83 12.97 -0.64
C VAL A 7 -22.78 11.87 -0.19
N GLY A 8 -22.32 10.62 -0.33
CA GLY A 8 -23.14 9.51 0.14
C GLY A 8 -22.62 9.01 1.48
N VAL A 9 -23.32 8.05 2.06
CA VAL A 9 -22.93 7.47 3.35
CA VAL A 9 -22.91 7.47 3.34
C VAL A 9 -23.06 5.96 3.26
N GLY A 10 -22.18 5.23 3.92
CA GLY A 10 -22.28 3.77 3.86
C GLY A 10 -21.47 3.16 5.00
N ARG A 11 -21.33 1.85 4.92
CA ARG A 11 -20.55 1.09 5.90
CA ARG A 11 -20.59 1.05 5.89
C ARG A 11 -19.48 0.29 5.18
N GLY A 12 -18.27 0.31 5.69
CA GLY A 12 -17.23 -0.49 5.06
C GLY A 12 -17.20 -1.94 5.54
N VAL A 13 -16.16 -2.66 5.17
CA VAL A 13 -16.01 -4.09 5.39
C VAL A 13 -16.00 -4.47 6.87
N LEU A 14 -15.46 -3.62 7.72
CA LEU A 14 -15.35 -3.92 9.15
C LEU A 14 -16.53 -3.31 9.91
N GLY A 15 -17.53 -2.81 9.21
CA GLY A 15 -18.74 -2.33 9.86
C GLY A 15 -18.73 -0.88 10.28
N ASP A 16 -17.71 -0.12 9.92
CA ASP A 16 -17.59 1.30 10.25
C ASP A 16 -18.35 2.20 9.27
N GLN A 17 -19.00 3.26 9.75
CA GLN A 17 -19.74 4.17 8.87
C GLN A 17 -18.80 5.24 8.32
N LYS A 18 -18.88 5.57 7.02
CA LYS A 18 -18.08 6.69 6.54
C LYS A 18 -18.84 7.39 5.41
N ASN A 19 -18.54 8.67 5.23
CA ASN A 19 -19.03 9.41 4.08
C ASN A 19 -18.17 9.12 2.84
N ILE A 20 -18.76 9.12 1.65
CA ILE A 20 -17.96 8.93 0.44
C ILE A 20 -18.39 9.95 -0.61
N ASN A 21 -17.42 10.35 -1.42
CA ASN A 21 -17.70 11.32 -2.49
C ASN A 21 -18.27 10.61 -3.70
N THR A 22 -19.47 11.04 -4.11
CA THR A 22 -20.15 10.37 -5.22
C THR A 22 -20.48 11.37 -6.32
N THR A 23 -21.05 10.91 -7.42
CA THR A 23 -21.51 11.81 -8.49
C THR A 23 -22.96 11.48 -8.86
N TYR A 24 -23.82 12.50 -9.00
CA TYR A 24 -25.20 12.17 -9.33
C TYR A 24 -25.53 12.50 -10.79
N SER A 25 -26.07 11.47 -11.43
CA SER A 25 -26.54 11.56 -12.81
C SER A 25 -27.49 10.38 -13.05
N THR A 26 -28.77 10.61 -12.77
CA THR A 26 -29.80 9.59 -12.64
C THR A 26 -29.53 8.63 -11.49
N TYR A 27 -28.36 8.01 -11.45
CA TYR A 27 -27.89 7.20 -10.35
C TYR A 27 -26.81 7.97 -9.58
N TYR A 28 -26.48 7.52 -8.39
CA TYR A 28 -25.34 8.00 -7.64
C TYR A 28 -24.17 7.04 -7.93
N TYR A 29 -23.08 7.58 -8.46
CA TYR A 29 -21.95 6.73 -8.82
C TYR A 29 -20.78 6.90 -7.86
N LEU A 30 -20.01 5.83 -7.67
CA LEU A 30 -18.76 5.96 -6.89
C LEU A 30 -17.72 6.62 -7.78
N GLN A 31 -17.88 7.95 -7.85
CA GLN A 31 -16.95 8.79 -8.60
C GLN A 31 -16.73 10.03 -7.72
N ASP A 32 -15.51 10.12 -7.22
CA ASP A 32 -15.11 11.21 -6.35
C ASP A 32 -14.46 12.30 -7.18
N ASN A 33 -15.11 13.46 -7.37
CA ASN A 33 -14.53 14.50 -8.19
C ASN A 33 -13.67 15.48 -7.41
N THR A 34 -13.55 15.25 -6.09
CA THR A 34 -12.87 16.22 -5.25
C THR A 34 -11.35 16.01 -5.25
N ARG A 35 -10.88 14.94 -5.89
CA ARG A 35 -9.44 14.64 -5.83
C ARG A 35 -8.90 14.44 -7.25
N GLY A 36 -8.00 15.32 -7.71
CA GLY A 36 -7.39 15.08 -9.00
C GLY A 36 -8.38 15.00 -10.15
N ASN A 37 -8.18 14.05 -11.06
CA ASN A 37 -9.12 13.90 -12.17
C ASN A 37 -10.07 12.74 -11.85
N GLY A 38 -10.24 12.50 -10.56
CA GLY A 38 -11.30 11.59 -10.11
C GLY A 38 -10.78 10.29 -9.50
N ILE A 39 -11.58 9.75 -8.57
CA ILE A 39 -11.44 8.39 -8.08
C ILE A 39 -12.72 7.65 -8.47
N PHE A 40 -12.55 6.53 -9.15
CA PHE A 40 -13.66 5.81 -9.73
C PHE A 40 -13.63 4.37 -9.21
N THR A 41 -14.75 3.88 -8.70
CA THR A 41 -14.77 2.49 -8.20
C THR A 41 -15.80 1.68 -8.97
N TYR A 42 -15.45 0.48 -9.39
CA TYR A 42 -16.18 -0.36 -10.31
C TYR A 42 -16.62 -1.67 -9.64
N ASP A 43 -17.73 -2.26 -10.13
CA ASP A 43 -18.19 -3.57 -9.77
C ASP A 43 -17.73 -4.60 -10.81
N ALA A 44 -16.89 -5.53 -10.37
CA ALA A 44 -16.51 -6.62 -11.29
C ALA A 44 -17.48 -7.79 -11.19
N LYS A 45 -18.46 -7.78 -10.29
CA LYS A 45 -19.58 -8.72 -10.28
C LYS A 45 -19.21 -10.21 -10.28
N TYR A 46 -18.13 -10.50 -9.53
CA TYR A 46 -17.61 -11.83 -9.30
C TYR A 46 -16.96 -12.39 -10.56
N ARG A 47 -16.77 -11.61 -11.61
CA ARG A 47 -16.07 -12.10 -12.81
C ARG A 47 -14.69 -11.45 -12.95
N THR A 48 -13.99 -11.75 -14.05
CA THR A 48 -12.61 -11.28 -14.13
C THR A 48 -12.36 -10.33 -15.28
N THR A 49 -13.46 -9.89 -15.91
CA THR A 49 -13.41 -8.84 -16.90
CA THR A 49 -13.29 -8.84 -16.91
C THR A 49 -13.27 -7.50 -16.21
N LEU A 50 -12.33 -6.65 -16.63
CA LEU A 50 -12.10 -5.39 -15.94
C LEU A 50 -12.17 -4.19 -16.88
N PRO A 51 -12.59 -3.02 -16.40
CA PRO A 51 -12.85 -2.83 -14.97
C PRO A 51 -14.20 -3.31 -14.49
N GLY A 52 -15.13 -3.68 -15.35
CA GLY A 52 -16.49 -3.95 -14.87
C GLY A 52 -17.34 -2.68 -15.09
N SER A 53 -18.37 -2.48 -14.27
CA SER A 53 -19.25 -1.33 -14.39
CA SER A 53 -19.18 -1.28 -14.45
C SER A 53 -18.98 -0.27 -13.32
N LEU A 54 -18.99 1.00 -13.70
CA LEU A 54 -18.84 2.06 -12.71
C LEU A 54 -19.92 1.86 -11.65
N TRP A 55 -19.58 1.90 -10.37
CA TRP A 55 -20.55 1.51 -9.34
C TRP A 55 -21.72 2.49 -9.32
N ALA A 56 -22.94 2.03 -9.51
CA ALA A 56 -24.16 2.83 -9.53
C ALA A 56 -25.10 2.43 -8.40
N ASP A 57 -25.68 3.43 -7.76
CA ASP A 57 -26.54 3.17 -6.60
C ASP A 57 -27.73 4.10 -6.67
N ALA A 58 -28.92 3.57 -6.36
CA ALA A 58 -30.09 4.41 -6.57
C ALA A 58 -30.26 5.51 -5.56
N ASP A 59 -29.83 5.36 -4.32
CA ASP A 59 -30.18 6.36 -3.30
C ASP A 59 -29.01 6.98 -2.55
N ASN A 60 -27.75 6.72 -2.92
CA ASN A 60 -26.58 7.35 -2.29
C ASN A 60 -26.35 6.83 -0.87
N GLN A 61 -26.94 5.69 -0.50
CA GLN A 61 -26.75 5.04 0.76
C GLN A 61 -26.12 3.67 0.50
N PHE A 62 -25.01 3.39 1.16
CA PHE A 62 -24.24 2.21 0.82
C PHE A 62 -24.05 1.29 2.03
N PHE A 63 -25.18 0.79 2.55
CA PHE A 63 -25.16 -0.03 3.74
C PHE A 63 -25.42 -1.51 3.45
N ALA A 64 -25.55 -1.90 2.18
CA ALA A 64 -25.72 -3.32 1.88
C ALA A 64 -24.41 -4.06 2.01
N SER A 65 -24.51 -5.35 2.34
CA SER A 65 -23.28 -6.15 2.50
CA SER A 65 -23.27 -6.13 2.50
C SER A 65 -22.46 -6.13 1.21
N TYR A 66 -23.16 -6.16 0.09
CA TYR A 66 -22.49 -6.17 -1.21
C TYR A 66 -21.77 -4.84 -1.42
N ASP A 67 -22.22 -3.77 -0.76
CA ASP A 67 -21.64 -2.46 -0.98
C ASP A 67 -20.32 -2.27 -0.25
N ALA A 68 -20.08 -3.02 0.82
CA ALA A 68 -18.99 -2.65 1.74
C ALA A 68 -17.62 -2.68 1.08
N PRO A 69 -17.25 -3.69 0.29
CA PRO A 69 -15.89 -3.61 -0.33
C PRO A 69 -15.71 -2.39 -1.24
N ALA A 70 -16.79 -1.93 -1.88
CA ALA A 70 -16.70 -0.74 -2.73
C ALA A 70 -16.53 0.54 -1.91
N VAL A 71 -17.30 0.62 -0.83
CA VAL A 71 -17.17 1.76 0.08
C VAL A 71 -15.71 1.92 0.50
N ASP A 72 -15.08 0.82 0.93
CA ASP A 72 -13.70 0.97 1.43
C ASP A 72 -12.68 1.16 0.32
N ALA A 73 -12.84 0.49 -0.83
CA ALA A 73 -11.90 0.75 -1.91
C ALA A 73 -11.94 2.24 -2.26
N HIS A 74 -13.14 2.80 -2.29
CA HIS A 74 -13.29 4.17 -2.77
C HIS A 74 -12.73 5.12 -1.71
N TYR A 75 -13.12 4.87 -0.45
CA TYR A 75 -12.69 5.79 0.62
C TYR A 75 -11.20 5.71 0.84
N TYR A 76 -10.62 4.51 0.91
CA TYR A 76 -9.18 4.38 1.19
C TYR A 76 -8.33 4.82 0.00
N ALA A 77 -8.83 4.74 -1.21
CA ALA A 77 -8.10 5.41 -2.32
C ALA A 77 -8.03 6.91 -2.05
N GLY A 78 -9.11 7.50 -1.56
CA GLY A 78 -9.11 8.93 -1.24
C GLY A 78 -8.07 9.23 -0.17
N VAL A 79 -8.03 8.43 0.90
CA VAL A 79 -7.02 8.65 1.97
C VAL A 79 -5.61 8.57 1.39
N THR A 80 -5.39 7.58 0.51
CA THR A 80 -4.01 7.39 -0.01
C THR A 80 -3.63 8.55 -0.92
N TYR A 81 -4.58 9.02 -1.75
CA TYR A 81 -4.42 10.25 -2.54
C TYR A 81 -3.97 11.37 -1.62
N ASP A 82 -4.71 11.61 -0.56
CA ASP A 82 -4.41 12.70 0.36
C ASP A 82 -3.03 12.57 0.98
N TYR A 83 -2.63 11.35 1.32
CA TYR A 83 -1.28 11.17 1.86
C TYR A 83 -0.25 11.62 0.86
N TYR A 84 -0.32 11.08 -0.37
CA TYR A 84 0.74 11.47 -1.32
C TYR A 84 0.70 12.96 -1.62
N LYS A 85 -0.47 13.58 -1.73
CA LYS A 85 -0.54 15.00 -2.07
C LYS A 85 -0.01 15.86 -0.93
N ASN A 86 -0.54 15.58 0.27
CA ASN A 86 -0.29 16.44 1.42
C ASN A 86 1.09 16.22 1.99
N VAL A 87 1.58 14.97 1.90
CA VAL A 87 2.85 14.66 2.57
C VAL A 87 3.99 14.78 1.56
N HIS A 88 3.83 14.37 0.31
CA HIS A 88 4.95 14.34 -0.63
C HIS A 88 4.75 15.29 -1.82
N ASN A 89 3.66 16.06 -1.79
CA ASN A 89 3.35 16.95 -2.91
C ASN A 89 3.29 16.19 -4.23
N ARG A 90 2.73 14.98 -4.22
CA ARG A 90 2.58 14.19 -5.42
C ARG A 90 1.09 14.09 -5.79
N LEU A 91 0.76 14.43 -7.01
CA LEU A 91 -0.64 14.46 -7.43
C LEU A 91 -0.98 13.15 -8.17
N SER A 92 -1.70 12.28 -7.47
CA SER A 92 -1.99 10.91 -7.90
C SER A 92 -0.74 10.11 -8.21
N TYR A 93 -0.91 8.93 -8.81
CA TYR A 93 0.20 7.99 -8.94
C TYR A 93 1.18 8.41 -10.03
N ASP A 94 0.74 9.19 -11.01
CA ASP A 94 1.63 9.60 -12.09
C ASP A 94 2.15 11.02 -11.84
N GLY A 95 1.81 11.67 -10.75
CA GLY A 95 2.28 13.03 -10.53
C GLY A 95 1.50 14.08 -11.29
N ASN A 96 0.48 13.66 -12.04
CA ASN A 96 -0.29 14.62 -12.86
C ASN A 96 -1.77 14.34 -12.74
N ASN A 97 -2.15 13.87 -11.56
CA ASN A 97 -3.56 13.68 -11.21
C ASN A 97 -4.29 12.69 -12.10
N ALA A 98 -3.63 11.64 -12.56
CA ALA A 98 -4.31 10.57 -13.30
C ALA A 98 -5.50 10.04 -12.50
N ALA A 99 -6.59 9.80 -13.21
CA ALA A 99 -7.76 9.17 -12.56
C ALA A 99 -7.37 7.85 -11.91
N ILE A 100 -7.93 7.63 -10.72
CA ILE A 100 -7.59 6.42 -9.99
C ILE A 100 -8.78 5.47 -10.07
N ARG A 101 -8.55 4.26 -10.58
CA ARG A 101 -9.68 3.35 -10.80
C ARG A 101 -9.48 2.07 -10.00
N SER A 102 -10.54 1.58 -9.38
CA SER A 102 -10.48 0.33 -8.59
C SER A 102 -11.66 -0.55 -8.95
N SER A 103 -11.47 -1.86 -9.06
CA SER A 103 -12.61 -2.77 -9.15
C SER A 103 -12.67 -3.68 -7.94
N VAL A 104 -13.90 -3.89 -7.44
CA VAL A 104 -14.07 -4.84 -6.32
C VAL A 104 -14.99 -5.98 -6.77
N HIS A 105 -15.18 -6.95 -5.87
CA HIS A 105 -15.85 -8.21 -6.20
C HIS A 105 -15.19 -8.86 -7.41
N TYR A 106 -13.87 -8.82 -7.51
CA TYR A 106 -13.19 -9.55 -8.57
C TYR A 106 -13.14 -11.06 -8.31
N SER A 107 -13.60 -11.80 -9.33
CA SER A 107 -13.56 -13.27 -9.30
C SER A 107 -14.39 -13.80 -8.14
N GLN A 108 -14.18 -15.07 -7.76
CA GLN A 108 -14.89 -15.70 -6.66
C GLN A 108 -13.93 -16.25 -5.61
N GLY A 109 -14.14 -15.91 -4.34
CA GLY A 109 -13.27 -16.44 -3.28
C GLY A 109 -11.84 -16.00 -3.44
N TYR A 110 -11.59 -14.82 -4.04
CA TYR A 110 -10.23 -14.47 -4.51
C TYR A 110 -9.36 -13.85 -3.43
N ASN A 111 -8.32 -14.56 -3.04
CA ASN A 111 -7.49 -14.23 -1.88
C ASN A 111 -6.31 -13.36 -2.30
N ASN A 112 -6.64 -12.24 -2.96
CA ASN A 112 -5.54 -11.33 -3.30
C ASN A 112 -6.11 -10.01 -3.81
N ALA A 113 -5.18 -9.11 -4.07
CA ALA A 113 -5.47 -7.80 -4.66
C ALA A 113 -4.24 -7.42 -5.50
N PHE A 114 -4.37 -6.56 -6.48
CA PHE A 114 -3.23 -6.28 -7.34
C PHE A 114 -3.47 -5.00 -8.12
N TRP A 115 -2.40 -4.49 -8.71
CA TRP A 115 -2.40 -3.39 -9.68
C TRP A 115 -2.14 -4.04 -11.04
N ASN A 116 -3.05 -3.88 -12.00
CA ASN A 116 -2.91 -4.66 -13.23
C ASN A 116 -2.17 -3.89 -14.33
N GLY A 117 -1.50 -2.80 -13.97
CA GLY A 117 -0.84 -1.95 -14.96
C GLY A 117 -1.65 -0.68 -15.17
N SER A 118 -2.94 -0.71 -14.83
CA SER A 118 -3.84 0.39 -15.14
C SER A 118 -4.83 0.74 -14.04
N GLN A 119 -5.08 -0.19 -13.13
CA GLN A 119 -6.09 -0.03 -12.09
C GLN A 119 -5.82 -0.94 -10.91
N MET A 120 -6.45 -0.68 -9.77
CA MET A 120 -6.41 -1.59 -8.64
C MET A 120 -7.58 -2.58 -8.73
N VAL A 121 -7.35 -3.80 -8.23
CA VAL A 121 -8.29 -4.92 -8.33
C VAL A 121 -8.34 -5.63 -6.98
N TYR A 122 -9.55 -5.84 -6.42
CA TYR A 122 -9.63 -6.46 -5.11
C TYR A 122 -10.57 -7.68 -5.09
N GLY A 123 -10.05 -8.79 -4.56
CA GLY A 123 -10.88 -9.95 -4.38
C GLY A 123 -11.72 -9.80 -3.11
N ASP A 124 -12.71 -10.69 -2.99
CA ASP A 124 -13.52 -10.71 -1.77
C ASP A 124 -12.90 -11.63 -0.72
N GLY A 125 -11.90 -12.42 -1.05
CA GLY A 125 -11.42 -13.41 -0.07
C GLY A 125 -12.40 -14.57 -0.05
N ASP A 126 -11.97 -15.66 0.59
CA ASP A 126 -12.82 -16.85 0.63
C ASP A 126 -13.54 -16.95 1.97
N GLY A 127 -13.42 -15.90 2.76
CA GLY A 127 -14.04 -15.80 4.06
C GLY A 127 -13.24 -16.49 5.14
N GLN A 128 -12.23 -17.25 4.75
CA GLN A 128 -11.44 -17.89 5.80
C GLN A 128 -10.02 -17.37 5.82
N THR A 129 -9.32 -17.33 4.70
CA THR A 129 -7.99 -16.73 4.72
C THR A 129 -8.11 -15.21 4.69
N PHE A 130 -9.08 -14.70 3.92
CA PHE A 130 -9.28 -13.26 3.84
C PHE A 130 -10.76 -12.91 3.81
N ILE A 131 -11.09 -11.71 4.29
CA ILE A 131 -12.33 -10.99 4.00
C ILE A 131 -12.03 -9.98 2.88
N PRO A 132 -13.01 -9.30 2.31
CA PRO A 132 -12.72 -8.46 1.13
C PRO A 132 -11.55 -7.52 1.35
N LEU A 133 -10.57 -7.60 0.43
CA LEU A 133 -9.24 -7.09 0.79
C LEU A 133 -9.20 -5.57 0.84
N SER A 134 -10.17 -4.88 0.20
CA SER A 134 -10.20 -3.43 0.31
C SER A 134 -10.57 -2.99 1.73
N GLY A 135 -10.94 -3.91 2.63
CA GLY A 135 -11.16 -3.45 4.00
C GLY A 135 -9.91 -3.06 4.75
N GLY A 136 -8.73 -3.30 4.19
CA GLY A 136 -7.48 -2.93 4.86
C GLY A 136 -6.86 -1.70 4.23
N ILE A 137 -6.70 -0.63 5.00
CA ILE A 137 -6.10 0.57 4.41
CA ILE A 137 -6.08 0.58 4.45
C ILE A 137 -4.65 0.28 3.99
N ASP A 138 -3.94 -0.59 4.72
CA ASP A 138 -2.57 -0.89 4.30
C ASP A 138 -2.58 -1.65 2.96
N VAL A 139 -3.61 -2.45 2.69
CA VAL A 139 -3.76 -3.14 1.40
C VAL A 139 -4.02 -2.14 0.28
N VAL A 140 -5.01 -1.27 0.48
CA VAL A 140 -5.28 -0.27 -0.57
C VAL A 140 -4.06 0.60 -0.84
N ALA A 141 -3.39 1.12 0.17
CA ALA A 141 -2.22 1.97 -0.11
C ALA A 141 -1.08 1.12 -0.64
N HIS A 142 -0.93 -0.15 -0.27
CA HIS A 142 0.07 -1.01 -0.92
C HIS A 142 -0.19 -1.09 -2.43
N GLU A 143 -1.44 -1.32 -2.81
CA GLU A 143 -1.71 -1.40 -4.25
C GLU A 143 -1.50 -0.06 -4.95
N LEU A 144 -2.00 1.05 -4.43
CA LEU A 144 -1.81 2.32 -5.17
C LEU A 144 -0.31 2.64 -5.26
N THR A 145 0.43 2.26 -4.20
CA THR A 145 1.87 2.48 -4.28
C THR A 145 2.51 1.64 -5.38
N HIS A 146 2.02 0.48 -5.79
CA HIS A 146 2.60 -0.20 -6.94
C HIS A 146 2.49 0.69 -8.18
N ALA A 147 1.40 1.45 -8.29
CA ALA A 147 1.28 2.35 -9.45
C ALA A 147 2.32 3.44 -9.37
N VAL A 148 2.52 3.97 -8.16
CA VAL A 148 3.53 5.03 -8.00
C VAL A 148 4.90 4.52 -8.41
N THR A 149 5.21 3.31 -7.89
CA THR A 149 6.51 2.73 -8.24
C THR A 149 6.67 2.57 -9.74
N ASP A 150 5.58 2.07 -10.35
CA ASP A 150 5.68 1.79 -11.78
C ASP A 150 5.89 3.06 -12.58
N TYR A 151 5.37 4.19 -12.11
CA TYR A 151 5.55 5.47 -12.82
C TYR A 151 6.85 6.17 -12.44
N THR A 152 7.56 5.70 -11.42
CA THR A 152 8.78 6.38 -10.98
C THR A 152 9.98 5.47 -11.13
N ALA A 153 10.40 4.76 -10.07
CA ALA A 153 11.56 3.90 -10.20
C ALA A 153 11.39 2.82 -11.25
N GLY A 154 10.18 2.28 -11.34
CA GLY A 154 9.97 1.22 -12.34
C GLY A 154 10.55 -0.15 -11.97
N LEU A 155 10.77 -0.38 -10.69
CA LEU A 155 11.41 -1.62 -10.21
C LEU A 155 10.81 -2.88 -10.80
N ILE A 156 11.66 -3.64 -11.50
CA ILE A 156 11.19 -4.87 -12.17
C ILE A 156 10.72 -5.85 -11.11
N TYR A 157 9.64 -6.58 -11.38
CA TYR A 157 8.92 -7.34 -10.35
C TYR A 157 9.48 -8.75 -10.26
N GLN A 158 10.80 -8.80 -10.01
CA GLN A 158 11.43 -10.09 -9.73
C GLN A 158 12.74 -9.91 -8.97
N ASN A 159 13.13 -10.98 -8.28
CA ASN A 159 14.40 -10.97 -7.54
C ASN A 159 14.58 -9.72 -6.70
N GLU A 160 15.76 -9.14 -6.57
CA GLU A 160 15.94 -8.09 -5.56
C GLU A 160 15.17 -6.83 -5.91
N SER A 161 15.13 -6.46 -7.19
CA SER A 161 14.36 -5.25 -7.49
C SER A 161 12.88 -5.44 -7.15
N GLY A 162 12.39 -6.68 -7.33
CA GLY A 162 10.99 -6.96 -7.03
C GLY A 162 10.75 -6.97 -5.53
N ALA A 163 11.73 -7.45 -4.75
CA ALA A 163 11.54 -7.37 -3.30
C ALA A 163 11.58 -5.93 -2.84
N ILE A 164 12.36 -5.04 -3.50
CA ILE A 164 12.28 -3.61 -3.11
C ILE A 164 10.92 -3.05 -3.49
N ASN A 165 10.44 -3.42 -4.68
CA ASN A 165 9.12 -2.99 -5.14
C ASN A 165 8.08 -3.32 -4.08
N GLU A 166 8.10 -4.58 -3.62
CA GLU A 166 7.17 -5.03 -2.59
C GLU A 166 7.36 -4.29 -1.27
N ALA A 167 8.60 -4.09 -0.83
CA ALA A 167 8.83 -3.37 0.43
C ALA A 167 8.32 -1.94 0.31
N ILE A 168 8.54 -1.29 -0.85
CA ILE A 168 8.07 0.08 -0.99
C ILE A 168 6.56 0.12 -0.79
N SER A 169 5.85 -0.85 -1.38
CA SER A 169 4.39 -0.92 -1.16
C SER A 169 4.04 -1.23 0.30
N ASP A 170 4.79 -2.09 1.00
CA ASP A 170 4.45 -2.31 2.41
C ASP A 170 4.78 -1.10 3.26
N ILE A 171 5.87 -0.42 2.94
CA ILE A 171 6.29 0.74 3.73
C ILE A 171 5.27 1.86 3.58
N PHE A 172 4.91 2.20 2.34
CA PHE A 172 3.94 3.29 2.23
C PHE A 172 2.55 2.82 2.63
N GLY A 173 2.22 1.55 2.49
CA GLY A 173 0.92 1.11 2.99
C GLY A 173 0.85 1.37 4.49
N THR A 174 1.96 1.05 5.17
CA THR A 174 2.02 1.31 6.61
C THR A 174 2.05 2.79 6.93
N LEU A 175 2.82 3.60 6.23
CA LEU A 175 2.78 5.05 6.50
C LEU A 175 1.40 5.62 6.24
N VAL A 176 0.65 5.13 5.25
CA VAL A 176 -0.71 5.62 5.04
C VAL A 176 -1.62 5.17 6.17
N GLU A 177 -1.40 3.95 6.66
CA GLU A 177 -2.15 3.45 7.82
C GLU A 177 -1.94 4.39 9.00
N PHE A 178 -0.69 4.81 9.22
CA PHE A 178 -0.47 5.73 10.33
C PHE A 178 -1.09 7.08 10.06
N TYR A 179 -0.99 7.53 8.81
CA TYR A 179 -1.60 8.79 8.41
C TYR A 179 -3.09 8.80 8.74
N ALA A 180 -3.80 7.70 8.47
CA ALA A 180 -5.23 7.71 8.77
C ALA A 180 -5.41 7.53 10.28
N ASN A 181 -4.44 6.94 10.96
CA ASN A 181 -4.42 6.87 12.40
C ASN A 181 -5.54 6.06 13.03
N LYS A 182 -5.99 5.01 12.36
CA LYS A 182 -6.94 4.08 12.96
C LYS A 182 -6.27 2.73 13.21
N ASN A 183 -6.01 2.41 14.46
CA ASN A 183 -5.31 1.20 14.84
C ASN A 183 -4.04 0.98 14.03
N PRO A 184 -3.16 1.96 13.94
CA PRO A 184 -1.98 1.76 13.09
C PRO A 184 -0.99 0.84 13.76
N ASP A 185 -0.24 0.14 12.90
CA ASP A 185 0.80 -0.78 13.35
C ASP A 185 1.86 -0.99 12.26
N TRP A 186 2.85 -1.81 12.55
CA TRP A 186 3.87 -2.13 11.55
C TRP A 186 3.63 -3.52 11.02
N GLU A 187 2.35 -3.94 11.10
CA GLU A 187 1.98 -5.26 10.57
CA GLU A 187 2.01 -5.26 10.56
C GLU A 187 1.27 -5.08 9.23
N ILE A 188 1.25 -6.11 8.39
CA ILE A 188 0.65 -5.98 7.05
C ILE A 188 -0.56 -6.88 6.86
N GLY A 189 -1.70 -6.25 6.60
CA GLY A 189 -2.91 -6.96 6.20
C GLY A 189 -3.75 -7.48 7.35
N GLU A 190 -3.41 -7.10 8.59
CA GLU A 190 -4.12 -7.64 9.75
C GLU A 190 -5.61 -7.37 9.75
N ASP A 191 -6.09 -6.30 9.10
CA ASP A 191 -7.53 -6.02 9.19
C ASP A 191 -8.37 -6.96 8.34
N VAL A 192 -7.78 -7.62 7.37
CA VAL A 192 -8.59 -8.44 6.47
C VAL A 192 -8.13 -9.90 6.43
N TYR A 193 -7.07 -10.23 7.13
CA TYR A 193 -6.49 -11.57 7.14
C TYR A 193 -7.10 -12.40 8.28
N THR A 194 -7.39 -13.65 7.97
CA THR A 194 -7.91 -14.67 8.87
C THR A 194 -8.88 -14.17 9.91
N PRO A 195 -10.13 -13.98 9.50
CA PRO A 195 -11.14 -13.45 10.41
C PRO A 195 -11.32 -14.32 11.65
N GLY A 196 -11.04 -15.60 11.55
CA GLY A 196 -11.22 -16.43 12.74
C GLY A 196 -10.04 -16.41 13.66
N ILE A 197 -8.94 -15.73 13.32
CA ILE A 197 -7.75 -15.74 14.17
C ILE A 197 -7.38 -14.32 14.52
N SER A 198 -7.38 -13.97 15.81
CA SER A 198 -7.07 -12.59 16.14
C SER A 198 -5.58 -12.36 16.35
N GLY A 199 -5.11 -11.14 16.06
CA GLY A 199 -3.73 -10.86 16.43
C GLY A 199 -2.68 -11.21 15.42
N ASP A 200 -3.01 -11.83 14.29
CA ASP A 200 -1.99 -12.24 13.32
C ASP A 200 -1.99 -11.28 12.13
N SER A 201 -1.15 -11.60 11.15
CA SER A 201 -1.16 -10.81 9.93
C SER A 201 -0.42 -11.59 8.84
N LEU A 202 -0.47 -10.97 7.65
CA LEU A 202 0.14 -11.64 6.51
C LEU A 202 1.67 -11.51 6.51
N ARG A 203 2.18 -10.32 6.80
CA ARG A 203 3.59 -10.06 7.00
C ARG A 203 3.72 -9.13 8.20
N SER A 204 4.92 -9.02 8.74
CA SER A 204 5.26 -8.09 9.80
C SER A 204 6.52 -7.32 9.39
N MET A 205 6.48 -6.01 9.49
CA MET A 205 7.70 -5.23 9.28
C MET A 205 8.60 -5.20 10.53
N SER A 206 7.94 -5.27 11.69
CA SER A 206 8.70 -5.18 12.95
C SER A 206 9.46 -6.48 13.20
N ASP A 207 8.85 -7.61 12.81
CA ASP A 207 9.55 -8.90 12.92
C ASP A 207 9.16 -9.82 11.78
N PRO A 208 9.71 -9.64 10.58
CA PRO A 208 9.31 -10.46 9.45
C PRO A 208 9.37 -11.97 9.69
N ALA A 209 10.28 -12.39 10.59
CA ALA A 209 10.45 -13.83 10.75
C ALA A 209 9.27 -14.48 11.46
N LYS A 210 8.47 -13.65 12.13
CA LYS A 210 7.26 -14.19 12.78
C LYS A 210 6.41 -14.96 11.78
N TYR A 211 6.40 -14.61 10.51
CA TYR A 211 5.62 -15.30 9.49
C TYR A 211 6.51 -15.91 8.40
N GLY A 212 7.73 -16.30 8.77
CA GLY A 212 8.72 -16.99 8.02
C GLY A 212 9.52 -16.22 6.99
N ASP A 213 9.45 -14.88 7.02
CA ASP A 213 10.19 -14.10 6.03
C ASP A 213 11.52 -13.66 6.64
N PRO A 214 12.53 -13.53 5.80
CA PRO A 214 13.87 -13.17 6.29
C PRO A 214 13.97 -11.76 6.86
N ASP A 215 14.83 -11.61 7.86
CA ASP A 215 15.08 -10.33 8.51
C ASP A 215 16.59 -9.98 8.42
N HIS A 216 17.30 -10.70 7.59
CA HIS A 216 18.73 -10.50 7.32
C HIS A 216 19.05 -11.03 5.93
N TYR A 217 19.98 -10.35 5.27
CA TYR A 217 20.35 -10.72 3.91
C TYR A 217 20.90 -12.13 3.84
N SER A 218 21.45 -12.62 4.96
CA SER A 218 22.03 -13.95 4.94
C SER A 218 20.96 -15.02 4.85
N LYS A 219 19.72 -14.60 5.05
CA LYS A 219 18.59 -15.55 5.04
C LYS A 219 17.72 -15.36 3.82
N ARG A 220 18.24 -14.64 2.83
CA ARG A 220 17.46 -14.34 1.63
C ARG A 220 17.11 -15.62 0.86
N TYR A 221 15.91 -15.59 0.30
CA TYR A 221 15.47 -16.67 -0.60
C TYR A 221 16.00 -16.45 -2.00
N THR A 222 16.52 -17.51 -2.64
CA THR A 222 17.00 -17.29 -3.99
C THR A 222 16.42 -18.29 -5.00
N GLY A 223 15.35 -19.00 -4.62
CA GLY A 223 14.72 -19.86 -5.63
C GLY A 223 13.79 -19.07 -6.53
N THR A 224 12.87 -19.74 -7.23
CA THR A 224 12.08 -19.09 -8.26
C THR A 224 10.62 -18.86 -7.88
N GLN A 225 10.16 -19.39 -6.74
CA GLN A 225 8.82 -19.17 -6.22
CA GLN A 225 8.74 -19.16 -6.45
C GLN A 225 8.55 -17.67 -6.14
N ASP A 226 7.29 -17.25 -6.29
CA ASP A 226 6.93 -15.87 -5.94
C ASP A 226 7.81 -14.86 -6.65
N ASN A 227 8.06 -15.07 -7.94
CA ASN A 227 8.89 -14.16 -8.72
C ASN A 227 10.26 -13.96 -8.10
N GLY A 228 10.84 -15.06 -7.58
CA GLY A 228 12.15 -14.92 -6.95
C GLY A 228 12.00 -14.39 -5.52
N GLY A 229 10.87 -14.67 -4.86
CA GLY A 229 10.74 -14.28 -3.47
C GLY A 229 10.35 -12.84 -3.24
N VAL A 230 9.58 -12.19 -4.11
CA VAL A 230 9.38 -10.74 -3.90
C VAL A 230 8.59 -10.43 -2.64
N HIS A 231 7.68 -11.29 -2.16
CA HIS A 231 6.94 -11.05 -0.94
C HIS A 231 7.63 -11.68 0.27
N ILE A 232 8.79 -12.25 0.04
CA ILE A 232 9.58 -12.96 1.04
C ILE A 232 10.78 -12.08 1.40
N ASN A 233 11.61 -11.81 0.40
CA ASN A 233 12.81 -10.98 0.60
C ASN A 233 12.44 -9.52 0.87
N SER A 234 11.19 -9.13 0.65
CA SER A 234 10.75 -7.82 1.12
C SER A 234 10.96 -7.68 2.62
N GLY A 235 10.96 -8.79 3.39
CA GLY A 235 11.14 -8.67 4.85
C GLY A 235 12.48 -8.06 5.27
N ILE A 236 13.49 -8.22 4.45
CA ILE A 236 14.81 -7.67 4.75
C ILE A 236 14.76 -6.16 4.68
N ILE A 237 14.07 -5.67 3.65
CA ILE A 237 13.97 -4.20 3.51
C ILE A 237 12.90 -3.65 4.43
N ASN A 238 11.78 -4.31 4.66
CA ASN A 238 10.80 -3.87 5.66
C ASN A 238 11.41 -3.74 7.05
N LYS A 239 12.25 -4.73 7.40
CA LYS A 239 12.91 -4.64 8.71
C LYS A 239 13.82 -3.44 8.76
N ALA A 240 14.57 -3.16 7.69
CA ALA A 240 15.43 -1.98 7.71
C ALA A 240 14.66 -0.69 7.87
N ALA A 241 13.51 -0.63 7.18
CA ALA A 241 12.64 0.55 7.28
C ALA A 241 12.08 0.72 8.68
N TYR A 242 11.62 -0.38 9.29
CA TYR A 242 11.14 -0.36 10.66
C TYR A 242 12.23 0.16 11.59
N LEU A 243 13.44 -0.38 11.43
CA LEU A 243 14.54 0.05 12.31
C LEU A 243 14.86 1.52 12.11
N ILE A 244 14.86 2.00 10.86
CA ILE A 244 15.17 3.42 10.64
C ILE A 244 14.19 4.27 11.41
N SER A 245 12.90 3.87 11.35
CA SER A 245 11.88 4.65 12.02
C SER A 245 11.85 4.49 13.53
N GLN A 246 11.82 3.24 13.97
CA GLN A 246 11.52 2.92 15.36
C GLN A 246 12.76 2.63 16.20
N GLY A 247 13.88 2.36 15.55
CA GLY A 247 15.11 1.97 16.22
C GLY A 247 15.06 0.56 16.74
N GLY A 248 16.19 0.14 17.33
CA GLY A 248 16.24 -1.20 17.96
C GLY A 248 17.62 -1.79 17.79
N THR A 249 17.89 -2.93 18.42
CA THR A 249 19.15 -3.66 18.27
C THR A 249 18.79 -5.00 17.62
N HIS A 250 19.38 -5.28 16.49
CA HIS A 250 19.02 -6.43 15.66
C HIS A 250 20.30 -7.15 15.26
N TYR A 251 20.41 -8.42 15.61
CA TYR A 251 21.62 -9.21 15.49
C TYR A 251 22.80 -8.40 16.05
N GLY A 252 22.56 -7.71 17.16
CA GLY A 252 23.64 -7.05 17.89
C GLY A 252 24.00 -5.68 17.36
N VAL A 253 23.35 -5.25 16.27
CA VAL A 253 23.62 -3.91 15.72
C VAL A 253 22.56 -2.90 16.14
N SER A 254 22.91 -1.80 16.79
CA SER A 254 21.93 -0.87 17.35
C SER A 254 21.61 0.24 16.37
N VAL A 255 20.33 0.55 16.21
CA VAL A 255 19.90 1.60 15.28
C VAL A 255 19.20 2.69 16.06
N VAL A 256 19.53 3.96 15.84
CA VAL A 256 18.79 5.04 16.51
C VAL A 256 17.58 5.42 15.69
N GLY A 257 16.37 5.23 16.19
CA GLY A 257 15.19 5.56 15.39
C GLY A 257 15.06 7.05 15.11
N ILE A 258 14.63 7.40 13.88
CA ILE A 258 14.38 8.79 13.53
C ILE A 258 12.91 9.11 13.25
N GLY A 259 12.00 8.16 13.36
CA GLY A 259 10.59 8.44 13.20
C GLY A 259 10.05 8.23 11.79
N ARG A 260 8.73 8.01 11.73
CA ARG A 260 8.16 7.60 10.45
CA ARG A 260 8.05 7.65 10.50
C ARG A 260 8.12 8.73 9.43
N ASP A 261 7.96 9.98 9.85
CA ASP A 261 7.91 11.02 8.83
C ASP A 261 9.23 11.08 8.08
N LYS A 262 10.36 10.98 8.80
CA LYS A 262 11.65 11.04 8.12
C LYS A 262 11.91 9.75 7.33
N LEU A 263 11.54 8.57 7.81
CA LEU A 263 11.57 7.38 6.95
C LEU A 263 10.82 7.64 5.65
N GLY A 264 9.60 8.19 5.76
CA GLY A 264 8.84 8.44 4.54
C GLY A 264 9.50 9.43 3.59
N LYS A 265 10.08 10.50 4.12
CA LYS A 265 10.76 11.44 3.23
C LYS A 265 11.94 10.77 2.55
N ILE A 266 12.71 10.02 3.36
CA ILE A 266 13.90 9.40 2.77
C ILE A 266 13.54 8.38 1.71
N PHE A 267 12.58 7.50 1.99
CA PHE A 267 12.27 6.49 0.97
C PHE A 267 11.52 7.10 -0.22
N TYR A 268 10.72 8.16 -0.02
CA TYR A 268 10.03 8.76 -1.16
C TYR A 268 11.07 9.34 -2.12
N ARG A 269 12.05 10.04 -1.54
CA ARG A 269 13.11 10.61 -2.36
C ARG A 269 13.88 9.51 -3.07
N ALA A 270 14.16 8.42 -2.37
CA ALA A 270 14.93 7.34 -3.02
C ALA A 270 14.17 6.79 -4.20
N LEU A 271 12.89 6.55 -3.96
CA LEU A 271 12.05 5.95 -5.00
C LEU A 271 11.97 6.84 -6.23
N THR A 272 11.92 8.16 -6.01
CA THR A 272 11.58 9.05 -7.13
C THR A 272 12.81 9.70 -7.76
N GLN A 273 13.96 9.70 -7.10
CA GLN A 273 15.15 10.38 -7.60
C GLN A 273 16.32 9.43 -7.81
N TYR A 274 16.37 8.27 -7.17
CA TYR A 274 17.59 7.47 -7.30
C TYR A 274 17.42 6.04 -7.71
N LEU A 275 16.33 5.37 -7.34
CA LEU A 275 16.17 3.96 -7.75
C LEU A 275 15.83 3.86 -9.25
N THR A 276 16.24 2.76 -9.86
CA THR A 276 15.95 2.48 -11.27
C THR A 276 15.28 1.12 -11.43
N PRO A 277 14.82 0.70 -12.60
CA PRO A 277 14.17 -0.61 -12.70
C PRO A 277 15.03 -1.76 -12.20
N THR A 278 16.36 -1.66 -12.24
CA THR A 278 17.13 -2.85 -11.89
C THR A 278 17.83 -2.73 -10.53
N SER A 279 17.52 -1.73 -9.71
CA SER A 279 18.22 -1.59 -8.44
C SER A 279 18.15 -2.86 -7.59
N ASN A 280 19.31 -3.16 -6.98
CA ASN A 280 19.34 -4.28 -6.03
C ASN A 280 19.41 -3.72 -4.62
N PHE A 281 19.48 -4.59 -3.61
CA PHE A 281 19.46 -4.08 -2.23
C PHE A 281 20.62 -3.14 -1.89
N SER A 282 21.80 -3.49 -2.40
CA SER A 282 22.97 -2.65 -2.11
C SER A 282 22.80 -1.28 -2.74
N GLN A 283 22.18 -1.24 -3.92
CA GLN A 283 21.89 0.05 -4.55
C GLN A 283 20.77 0.79 -3.84
N LEU A 284 19.82 0.10 -3.23
CA LEU A 284 18.83 0.77 -2.40
C LEU A 284 19.49 1.42 -1.20
N ARG A 285 20.45 0.72 -0.58
CA ARG A 285 21.14 1.30 0.58
C ARG A 285 21.78 2.62 0.18
N ALA A 286 22.47 2.61 -0.96
CA ALA A 286 23.12 3.83 -1.46
C ALA A 286 22.14 4.95 -1.76
N ALA A 287 21.04 4.59 -2.41
CA ALA A 287 20.00 5.56 -2.70
C ALA A 287 19.39 6.15 -1.43
N ALA A 288 19.18 5.30 -0.41
CA ALA A 288 18.66 5.84 0.84
C ALA A 288 19.70 6.71 1.56
N VAL A 289 20.97 6.33 1.51
CA VAL A 289 22.01 7.16 2.14
C VAL A 289 22.11 8.51 1.46
N GLN A 290 22.04 8.50 0.13
CA GLN A 290 22.12 9.78 -0.61
C GLN A 290 20.87 10.61 -0.37
N SER A 291 19.70 9.96 -0.27
CA SER A 291 18.47 10.71 -0.04
C SER A 291 18.50 11.39 1.32
N ALA A 292 18.92 10.63 2.34
CA ALA A 292 19.05 11.19 3.67
C ALA A 292 20.10 12.30 3.68
N THR A 293 21.16 12.09 2.90
CA THR A 293 22.18 13.17 2.86
C THR A 293 21.59 14.46 2.30
N ASP A 294 20.86 14.34 1.19
CA ASP A 294 20.23 15.48 0.55
C ASP A 294 19.33 16.22 1.52
N LEU A 295 18.54 15.45 2.28
CA LEU A 295 17.52 16.01 3.14
C LEU A 295 18.10 16.56 4.44
N TYR A 296 19.13 15.92 4.99
CA TYR A 296 19.48 16.24 6.38
C TYR A 296 20.97 16.52 6.58
N GLY A 297 21.77 16.26 5.55
CA GLY A 297 23.18 16.61 5.59
C GLY A 297 24.01 15.40 5.87
N SER A 298 25.24 15.36 5.33
CA SER A 298 26.06 14.16 5.45
C SER A 298 26.43 13.80 6.88
N THR A 299 26.49 14.75 7.80
CA THR A 299 26.87 14.44 9.18
C THR A 299 25.68 14.24 10.10
N SER A 300 24.47 14.15 9.52
CA SER A 300 23.28 14.02 10.34
C SER A 300 23.10 12.66 10.98
N GLN A 301 22.32 12.68 12.04
CA GLN A 301 21.82 11.46 12.66
C GLN A 301 21.01 10.63 11.67
N GLU A 302 20.25 11.30 10.81
CA GLU A 302 19.42 10.56 9.83
C GLU A 302 20.27 9.70 8.92
N VAL A 303 21.35 10.23 8.36
CA VAL A 303 22.25 9.42 7.54
C VAL A 303 22.87 8.31 8.36
N ALA A 304 23.31 8.61 9.58
CA ALA A 304 23.95 7.52 10.33
C ALA A 304 22.97 6.39 10.65
N SER A 305 21.71 6.71 10.91
CA SER A 305 20.72 5.70 11.21
C SER A 305 20.38 4.83 10.01
N VAL A 306 20.33 5.48 8.84
CA VAL A 306 20.12 4.67 7.63
C VAL A 306 21.24 3.64 7.49
N LYS A 307 22.50 4.06 7.72
CA LYS A 307 23.60 3.11 7.56
C LYS A 307 23.50 1.97 8.57
N GLN A 308 23.14 2.33 9.80
CA GLN A 308 23.02 1.36 10.87
C GLN A 308 21.94 0.32 10.58
N ALA A 309 20.83 0.84 10.04
CA ALA A 309 19.72 -0.05 9.72
C ALA A 309 20.09 -1.04 8.62
N PHE A 310 20.73 -0.59 7.54
CA PHE A 310 21.11 -1.56 6.51
C PHE A 310 22.25 -2.45 7.02
N ASP A 311 23.18 -1.95 7.85
CA ASP A 311 24.13 -2.90 8.42
C ASP A 311 23.44 -3.98 9.22
N ALA A 312 22.40 -3.60 9.99
CA ALA A 312 21.71 -4.55 10.86
C ALA A 312 21.06 -5.67 10.05
N VAL A 313 20.64 -5.37 8.83
CA VAL A 313 20.03 -6.46 8.07
C VAL A 313 21.01 -7.01 7.06
N GLY A 314 22.29 -6.70 7.15
CA GLY A 314 23.26 -7.43 6.34
C GLY A 314 23.44 -6.92 4.93
N VAL A 315 23.03 -5.68 4.67
CA VAL A 315 23.09 -5.10 3.34
C VAL A 315 24.15 -4.01 3.26
N LYS A 316 25.19 -4.22 2.46
CA LYS A 316 26.24 -3.22 2.36
C LYS A 316 26.24 -2.47 1.05
CA CA B . -1.19 -2.72 9.16
CA CA C . -3.75 -1.77 11.86
CA CA D . -28.16 2.20 -1.91
CA CA E . -6.66 -12.58 11.56
ZN ZN F . 2.51 -5.95 -3.76
C9 1U4 G . 0.66 -9.33 -8.27
O10 1U4 G . -0.42 -9.91 -8.45
O8 1U4 G . 1.64 -9.22 -9.15
C7 1U4 G . 1.48 -9.93 -10.39
C6 1U4 G . 0.98 -8.94 -11.45
C4 1U4 G . 1.90 -8.25 -12.27
C2 1U4 G . 1.44 -7.42 -13.30
C1 1U4 G . 0.07 -7.27 -13.51
C63 1U4 G . -0.84 -7.98 -12.73
C61 1U4 G . -0.38 -8.79 -11.68
N11 1U4 G . 0.89 -8.69 -7.12
C12 1U4 G . 0.05 -8.97 -5.99
P13 1U4 G . 0.21 -7.69 -4.71
O54 1U4 G . -0.16 -6.37 -5.29
O55 1U4 G . 1.58 -7.68 -4.11
N14 1U4 G . -0.89 -8.20 -3.58
C15 1U4 G . -0.60 -8.06 -2.15
C16 1U4 G . 0.15 -9.26 -1.61
O17 1U4 G . 0.90 -9.16 -0.64
C38 1U4 G . -1.98 -7.99 -1.40
C41 1U4 G . -1.81 -7.57 0.06
C42 1U4 G . -2.34 -8.40 1.05
C50 1U4 G . -1.16 -6.38 0.39
C44 1U4 G . -2.21 -8.04 2.40
C48 1U4 G . -1.06 -6.01 1.72
C46 1U4 G . -1.55 -6.84 2.72
N18 1U4 G . -0.02 -10.46 -2.19
C19 1U4 G . 0.79 -11.62 -1.86
C33 1U4 G . 1.06 -12.49 -3.06
O34 1U4 G . 0.52 -12.17 -4.16
C20 1U4 G . 0.08 -12.34 -0.67
C21 1U4 G . -1.34 -12.87 -0.95
C26 1U4 G . -2.40 -11.82 -0.48
C22 1U4 G . -1.54 -14.21 -0.16
O35 1U4 G . 1.81 -13.50 -2.97
C1 GOL H . 1.53 -5.75 -8.21
O1 GOL H . 0.14 -5.61 -7.91
C2 GOL H . 1.72 -5.71 -9.75
O2 GOL H . 1.38 -4.41 -10.25
C3 GOL H . 3.19 -6.09 -10.07
O3 GOL H . 4.01 -5.06 -9.50
C1 GOL I . -4.60 -15.58 -6.24
O1 GOL I . -3.37 -15.09 -5.67
C2 GOL I . -5.46 -16.19 -5.11
O2 GOL I . -4.66 -17.18 -4.43
C3 GOL I . -6.77 -16.86 -5.56
O3 GOL I . -7.70 -17.01 -4.48
S DMS J . -1.89 -12.33 -9.99
O DMS J . -2.37 -13.97 -10.44
C1 DMS J . -3.11 -11.20 -10.65
C2 DMS J . -2.17 -12.22 -8.24
S DMS K . -26.55 -8.10 -5.92
O DMS K . -25.93 -9.72 -6.29
C1 DMS K . -25.53 -6.90 -6.72
C2 DMS K . -26.32 -7.82 -4.21
#